data_7EOE
#
_entry.id   7EOE
#
_cell.length_a   124.192
_cell.length_b   47.730
_cell.length_c   83.024
_cell.angle_alpha   90.000
_cell.angle_beta   118.840
_cell.angle_gamma   90.000
#
_symmetry.space_group_name_H-M   'C 1 2 1'
#
loop_
_entity.id
_entity.type
_entity.pdbx_description
1 polymer 'Coiled-coil domain-containing protein 25'
2 water water
#
_entity_poly.entity_id   1
_entity_poly.type   'polypeptide(L)'
_entity_poly.pdbx_seq_one_letter_code
;MGSSHHHHHHSSGMVFYFTSSSVNSSAYTIYMGKDKYENEDLIKHGWPEDIWFHVDKLSSAHVYLRLHKGENIEDIPKEV
LMDCAHLVKANSIQGCKMNNVNVVYTPWSNLKKTADMDVGQIGFHRQKDVKIVTVEKKVNEILNRLEKTKVERFPDLAAE
KECRDREERNEKKAQIQEMKKREKEEMKKKREM
;
_entity_poly.pdbx_strand_id   A,B
#
# COMPACT_ATOMS: atom_id res chain seq x y z
N MET A 14 5.22 15.93 4.82
CA MET A 14 5.69 14.60 5.17
C MET A 14 4.68 13.85 6.03
N VAL A 15 4.35 12.63 5.61
CA VAL A 15 3.43 11.75 6.32
C VAL A 15 4.15 10.45 6.63
N PHE A 16 3.93 9.93 7.84
CA PHE A 16 4.46 8.65 8.25
C PHE A 16 3.45 7.54 7.95
N TYR A 17 3.96 6.37 7.59
CA TYR A 17 3.17 5.20 7.22
C TYR A 17 3.79 3.98 7.88
N PHE A 18 3.03 3.29 8.70
CA PHE A 18 3.45 2.05 9.33
C PHE A 18 2.59 0.91 8.81
N THR A 19 3.11 -0.31 8.97
CA THR A 19 2.43 -1.51 8.51
C THR A 19 2.12 -2.37 9.73
N SER A 20 0.84 -2.63 9.96
CA SER A 20 0.41 -3.54 11.02
C SER A 20 -0.13 -4.81 10.36
N SER A 21 0.63 -5.89 10.49
CA SER A 21 0.21 -7.18 9.96
C SER A 21 -0.55 -7.94 11.05
N SER A 22 -1.71 -8.47 10.69
CA SER A 22 -2.51 -9.21 11.63
C SER A 22 -2.32 -10.72 11.43
N VAL A 23 -3.16 -11.51 12.10
CA VAL A 23 -3.04 -12.96 11.99
C VAL A 23 -3.64 -13.49 10.69
N ASN A 24 -4.46 -12.70 10.01
CA ASN A 24 -4.97 -13.03 8.68
C ASN A 24 -3.90 -12.95 7.60
N SER A 25 -2.67 -12.61 7.98
CA SER A 25 -1.56 -12.40 7.06
C SER A 25 -1.85 -11.29 6.05
N SER A 26 -2.73 -10.33 6.33
CA SER A 26 -2.91 -9.15 5.48
C SER A 26 -2.36 -7.93 6.20
N ALA A 27 -1.68 -7.06 5.46
CA ALA A 27 -1.09 -5.87 6.04
C ALA A 27 -2.09 -4.71 6.03
N TYR A 28 -2.23 -4.07 7.19
CA TYR A 28 -3.03 -2.86 7.33
C TYR A 28 -2.13 -1.64 7.33
N THR A 29 -2.52 -0.62 6.57
CA THR A 29 -1.74 0.60 6.46
C THR A 29 -2.19 1.61 7.50
N ILE A 30 -1.23 2.14 8.25
CA ILE A 30 -1.47 3.20 9.23
C ILE A 30 -0.68 4.42 8.77
N TYR A 31 -1.27 5.60 8.90
CA TYR A 31 -0.53 6.81 8.58
C TYR A 31 -0.80 7.87 9.64
N MET A 32 0.17 8.77 9.78
CA MET A 32 0.17 9.78 10.83
C MET A 32 0.92 11.00 10.33
N GLY A 33 0.32 12.17 10.49
CA GLY A 33 0.94 13.39 10.03
C GLY A 33 2.13 13.80 10.89
N LYS A 34 2.93 14.71 10.35
CA LYS A 34 4.11 15.17 11.08
C LYS A 34 3.74 16.22 12.12
N ASP A 35 2.72 17.03 11.87
CA ASP A 35 2.27 18.01 12.83
C ASP A 35 0.78 18.26 12.59
N LYS A 36 0.27 19.35 13.16
CA LYS A 36 -1.17 19.62 13.14
C LYS A 36 -1.64 20.05 11.75
N TYR A 37 -0.81 20.85 11.07
CA TYR A 37 -1.24 21.47 9.81
C TYR A 37 -1.22 20.46 8.67
N GLU A 38 -0.22 19.58 8.66
CA GLU A 38 -0.23 18.47 7.73
C GLU A 38 -1.44 17.58 7.97
N ASN A 39 -1.85 17.46 9.22
CA ASN A 39 -2.99 16.64 9.58
C ASN A 39 -4.30 17.35 9.27
N GLU A 40 -4.27 18.67 9.04
CA GLU A 40 -5.42 19.36 8.48
C GLU A 40 -5.73 18.81 7.09
N ASP A 41 -4.69 18.58 6.29
CA ASP A 41 -4.89 18.01 4.96
C ASP A 41 -5.14 16.52 5.02
N LEU A 42 -4.64 15.83 6.05
CA LEU A 42 -5.06 14.44 6.23
C LEU A 42 -6.53 14.36 6.65
N ILE A 43 -7.05 15.39 7.32
CA ILE A 43 -8.48 15.43 7.64
C ILE A 43 -9.29 15.72 6.40
N LYS A 44 -8.84 16.67 5.58
CA LYS A 44 -9.64 17.07 4.42
C LYS A 44 -9.71 15.96 3.37
N HIS A 45 -8.66 15.16 3.23
CA HIS A 45 -8.54 14.23 2.11
C HIS A 45 -8.50 12.76 2.54
N GLY A 46 -8.97 12.45 3.75
CA GLY A 46 -9.03 11.06 4.16
C GLY A 46 -10.04 10.27 3.35
N TRP A 47 -9.82 8.95 3.29
CA TRP A 47 -10.69 8.07 2.53
C TRP A 47 -11.82 7.54 3.39
N PRO A 48 -12.93 7.11 2.79
CA PRO A 48 -13.98 6.44 3.57
C PRO A 48 -13.51 5.16 4.23
N GLU A 49 -12.44 4.54 3.73
CA GLU A 49 -11.88 3.35 4.36
C GLU A 49 -11.04 3.67 5.59
N ASP A 50 -10.90 4.95 5.95
CA ASP A 50 -10.02 5.34 7.02
C ASP A 50 -10.74 5.36 8.36
N ILE A 51 -10.03 4.96 9.40
CA ILE A 51 -10.50 4.98 10.78
C ILE A 51 -9.58 5.89 11.56
N TRP A 52 -10.16 6.91 12.19
CA TRP A 52 -9.45 7.96 12.88
C TRP A 52 -9.30 7.59 14.36
N PHE A 53 -8.07 7.64 14.86
CA PHE A 53 -7.72 7.32 16.24
C PHE A 53 -7.10 8.53 16.91
N HIS A 54 -7.51 8.79 18.16
CA HIS A 54 -6.99 9.90 18.93
C HIS A 54 -7.13 9.59 20.41
N VAL A 55 -6.18 10.05 21.21
CA VAL A 55 -6.27 9.88 22.66
C VAL A 55 -7.45 10.68 23.18
N ASP A 56 -8.32 10.02 23.93
CA ASP A 56 -9.52 10.66 24.45
C ASP A 56 -9.15 11.59 25.61
N LYS A 57 -9.71 12.80 25.59
CA LYS A 57 -9.60 13.81 26.64
C LYS A 57 -8.18 14.33 26.83
N LEU A 58 -7.28 14.06 25.90
CA LEU A 58 -5.91 14.58 25.96
C LEU A 58 -5.43 14.93 24.55
N SER A 59 -4.55 15.91 24.48
CA SER A 59 -3.89 16.24 23.23
C SER A 59 -3.03 15.09 22.75
N SER A 60 -3.08 14.82 21.44
CA SER A 60 -2.25 13.78 20.83
C SER A 60 -2.23 14.01 19.33
N ALA A 61 -1.47 13.17 18.63
CA ALA A 61 -1.52 13.15 17.18
C ALA A 61 -2.78 12.43 16.72
N HIS A 62 -3.08 12.56 15.44
CA HIS A 62 -4.23 11.90 14.83
C HIS A 62 -3.72 10.73 14.00
N VAL A 63 -4.00 9.52 14.45
CA VAL A 63 -3.56 8.31 13.76
C VAL A 63 -4.68 7.86 12.83
N TYR A 64 -4.32 7.34 11.67
CA TYR A 64 -5.30 6.84 10.72
C TYR A 64 -4.98 5.41 10.33
N LEU A 65 -6.03 4.60 10.19
CA LEU A 65 -5.91 3.21 9.76
C LEU A 65 -6.78 3.03 8.53
N ARG A 66 -6.18 2.64 7.41
CA ARG A 66 -6.94 2.50 6.18
C ARG A 66 -7.34 1.04 6.03
N LEU A 67 -8.64 0.81 5.87
CA LEU A 67 -9.17 -0.54 5.78
C LEU A 67 -9.16 -1.03 4.34
N HIS A 68 -9.41 -2.33 4.17
CA HIS A 68 -9.49 -2.90 2.84
C HIS A 68 -10.89 -2.67 2.25
N LYS A 69 -11.02 -2.97 0.97
CA LYS A 69 -12.32 -2.91 0.32
C LYS A 69 -13.29 -3.88 0.99
N GLY A 70 -14.41 -3.35 1.48
CA GLY A 70 -15.40 -4.17 2.12
C GLY A 70 -15.25 -4.31 3.63
N GLU A 71 -14.25 -3.66 4.22
CA GLU A 71 -14.02 -3.76 5.65
C GLU A 71 -14.79 -2.67 6.39
N ASN A 72 -15.24 -3.02 7.58
CA ASN A 72 -15.99 -2.11 8.45
C ASN A 72 -15.19 -1.87 9.72
N ILE A 73 -15.59 -0.84 10.47
CA ILE A 73 -14.86 -0.46 11.67
C ILE A 73 -14.99 -1.54 12.73
N GLU A 74 -16.17 -2.17 12.83
CA GLU A 74 -16.37 -3.19 13.85
C GLU A 74 -15.66 -4.51 13.53
N ASP A 75 -15.09 -4.65 12.33
CA ASP A 75 -14.40 -5.87 11.94
C ASP A 75 -12.89 -5.74 11.96
N ILE A 76 -12.38 -4.72 12.64
CA ILE A 76 -10.92 -4.55 12.73
C ILE A 76 -10.34 -5.61 13.67
N PRO A 77 -9.31 -6.35 13.24
CA PRO A 77 -8.66 -7.30 14.16
C PRO A 77 -8.14 -6.58 15.40
N LYS A 78 -8.13 -7.30 16.51
CA LYS A 78 -7.75 -6.69 17.79
C LYS A 78 -6.28 -6.28 17.79
N GLU A 79 -5.42 -7.07 17.17
CA GLU A 79 -4.00 -6.71 17.10
C GLU A 79 -3.81 -5.38 16.38
N VAL A 80 -4.53 -5.18 15.27
CA VAL A 80 -4.40 -3.93 14.52
C VAL A 80 -4.98 -2.77 15.32
N LEU A 81 -6.13 -2.98 15.96
CA LEU A 81 -6.74 -1.93 16.76
C LEU A 81 -5.82 -1.50 17.89
N MET A 82 -5.14 -2.46 18.54
CA MET A 82 -4.19 -2.13 19.59
C MET A 82 -2.89 -1.55 19.06
N ASP A 83 -2.53 -1.87 17.80
CA ASP A 83 -1.39 -1.21 17.19
C ASP A 83 -1.68 0.27 16.97
N CYS A 84 -2.86 0.58 16.44
CA CYS A 84 -3.25 1.99 16.27
C CYS A 84 -3.39 2.69 17.61
N ALA A 85 -3.98 2.02 18.60
CA ALA A 85 -4.18 2.64 19.90
C ALA A 85 -2.86 2.91 20.61
N HIS A 86 -1.97 1.91 20.63
CA HIS A 86 -0.66 2.11 21.26
C HIS A 86 0.16 3.13 20.50
N LEU A 87 0.03 3.16 19.18
CA LEU A 87 0.76 4.15 18.39
C LEU A 87 0.28 5.56 18.68
N VAL A 88 -1.04 5.75 18.81
CA VAL A 88 -1.56 7.08 19.10
C VAL A 88 -1.29 7.49 20.54
N LYS A 89 -1.11 6.53 21.47
CA LYS A 89 -0.78 6.90 22.84
C LYS A 89 0.70 7.23 22.97
N ALA A 90 1.56 6.54 22.24
CA ALA A 90 2.99 6.87 22.26
C ALA A 90 3.23 8.27 21.74
N ASN A 91 2.48 8.69 20.73
CA ASN A 91 2.57 10.05 20.19
C ASN A 91 1.58 10.98 20.85
N SER A 92 1.39 10.83 22.16
CA SER A 92 0.65 11.76 22.98
C SER A 92 1.59 12.32 24.04
N ILE A 93 1.57 13.64 24.22
CA ILE A 93 2.52 14.29 25.12
C ILE A 93 2.36 13.74 26.53
N GLN A 94 1.11 13.61 26.99
CA GLN A 94 0.84 13.10 28.32
C GLN A 94 0.26 11.68 28.34
N GLY A 95 -0.24 11.19 27.21
CA GLY A 95 -0.74 9.83 27.17
C GLY A 95 0.37 8.79 27.26
N CYS A 96 1.57 9.11 26.78
CA CYS A 96 2.66 8.14 26.76
C CYS A 96 3.21 7.87 28.16
N LYS A 97 3.16 8.86 29.04
CA LYS A 97 3.64 8.70 30.41
C LYS A 97 2.64 8.02 31.32
N MET A 98 1.39 7.90 30.89
CA MET A 98 0.35 7.26 31.69
C MET A 98 0.27 5.77 31.39
N ASN A 99 -0.23 5.02 32.37
CA ASN A 99 -0.41 3.57 32.23
C ASN A 99 -1.73 3.22 31.57
N ASN A 100 -2.80 3.93 31.94
CA ASN A 100 -4.15 3.67 31.46
C ASN A 100 -4.62 4.89 30.69
N VAL A 101 -4.94 4.70 29.41
CA VAL A 101 -5.48 5.80 28.60
C VAL A 101 -6.62 5.29 27.75
N ASN A 102 -7.47 6.21 27.31
CA ASN A 102 -8.59 5.91 26.44
C ASN A 102 -8.36 6.48 25.06
N VAL A 103 -8.71 5.71 24.04
CA VAL A 103 -8.50 6.07 22.65
C VAL A 103 -9.84 5.98 21.94
N VAL A 104 -10.28 7.10 21.40
CA VAL A 104 -11.50 7.16 20.59
C VAL A 104 -11.11 7.00 19.13
N TYR A 105 -11.93 6.25 18.40
CA TYR A 105 -11.71 6.04 16.97
C TYR A 105 -13.05 5.99 16.26
N THR A 106 -13.16 6.70 15.14
CA THR A 106 -14.40 6.81 14.39
C THR A 106 -14.09 6.81 12.93
N PRO A 107 -14.99 6.37 12.04
CA PRO A 107 -14.76 6.46 10.62
C PRO A 107 -14.46 7.89 10.19
N TRP A 108 -13.60 8.03 9.19
CA TRP A 108 -13.23 9.35 8.69
C TRP A 108 -14.46 10.12 8.24
N SER A 109 -15.45 9.43 7.65
CA SER A 109 -16.66 10.07 7.19
C SER A 109 -17.47 10.68 8.33
N ASN A 110 -17.16 10.36 9.58
CA ASN A 110 -17.81 10.94 10.73
C ASN A 110 -17.11 12.19 11.24
N LEU A 111 -15.93 12.51 10.72
CA LEU A 111 -15.23 13.71 11.14
C LEU A 111 -15.92 14.96 10.57
N LYS A 112 -16.02 15.99 11.40
CA LYS A 112 -16.70 17.23 11.04
C LYS A 112 -15.76 18.39 11.33
N LYS A 113 -15.44 19.19 10.30
CA LYS A 113 -14.55 20.33 10.43
C LYS A 113 -15.29 21.58 9.98
N THR A 114 -15.37 22.57 10.86
CA THR A 114 -16.03 23.83 10.57
C THR A 114 -15.01 24.96 10.57
N ALA A 115 -15.42 26.11 10.04
CA ALA A 115 -14.49 27.24 9.94
C ALA A 115 -14.12 27.79 11.31
N ASP A 116 -15.07 27.79 12.24
CA ASP A 116 -14.78 28.26 13.60
C ASP A 116 -13.89 27.30 14.38
N MET A 117 -13.54 26.14 13.83
CA MET A 117 -12.74 25.19 14.56
C MET A 117 -11.26 25.56 14.51
N ASP A 118 -10.50 24.99 15.42
CA ASP A 118 -9.07 25.27 15.56
C ASP A 118 -8.30 24.48 14.50
N VAL A 119 -6.98 24.39 14.67
CA VAL A 119 -6.15 23.49 13.90
C VAL A 119 -5.82 22.31 14.80
N GLY A 120 -6.20 21.11 14.38
CA GLY A 120 -6.13 19.93 15.21
C GLY A 120 -7.43 19.60 15.91
N GLN A 121 -8.22 20.63 16.24
CA GLN A 121 -9.53 20.41 16.85
C GLN A 121 -10.51 19.91 15.79
N ILE A 122 -11.05 18.71 16.01
CA ILE A 122 -11.97 18.10 15.07
C ILE A 122 -13.29 17.83 15.80
N GLY A 123 -14.38 17.80 15.02
CA GLY A 123 -15.68 17.47 15.53
C GLY A 123 -16.21 16.19 14.92
N PHE A 124 -17.41 15.82 15.36
CA PHE A 124 -18.04 14.57 14.95
C PHE A 124 -19.42 14.85 14.39
N HIS A 125 -19.81 14.07 13.39
CA HIS A 125 -21.18 14.16 12.89
C HIS A 125 -22.14 13.45 13.81
N ARG A 126 -21.71 12.34 14.43
CA ARG A 126 -22.51 11.63 15.41
C ARG A 126 -21.56 11.01 16.42
N GLN A 127 -21.84 11.18 17.70
CA GLN A 127 -21.08 10.51 18.74
C GLN A 127 -21.43 9.02 18.86
N LYS A 128 -22.41 8.54 18.10
CA LYS A 128 -22.75 7.11 18.14
C LYS A 128 -21.75 6.26 17.35
N ASP A 129 -21.27 6.76 16.20
CA ASP A 129 -20.27 6.04 15.43
C ASP A 129 -18.85 6.35 15.86
N VAL A 130 -18.68 6.92 17.06
CA VAL A 130 -17.36 7.07 17.68
C VAL A 130 -17.22 5.98 18.72
N LYS A 131 -16.20 5.15 18.57
CA LYS A 131 -15.96 4.03 19.48
C LYS A 131 -14.80 4.36 20.41
N ILE A 132 -14.72 3.61 21.50
CA ILE A 132 -13.72 3.84 22.53
C ILE A 132 -13.03 2.53 22.86
N VAL A 133 -11.74 2.61 23.18
CA VAL A 133 -11.01 1.45 23.67
C VAL A 133 -9.94 1.94 24.63
N THR A 134 -9.80 1.25 25.75
CA THR A 134 -8.84 1.62 26.78
C THR A 134 -7.60 0.75 26.66
N VAL A 135 -6.45 1.38 26.50
CA VAL A 135 -5.17 0.68 26.58
C VAL A 135 -4.69 0.73 28.03
N GLU A 136 -4.48 -0.45 28.60
CA GLU A 136 -4.24 -0.66 30.01
C GLU A 136 -2.76 -0.70 30.36
N LYS A 137 -1.88 -0.74 29.37
CA LYS A 137 -0.47 -1.02 29.61
C LYS A 137 0.37 -0.15 28.69
N LYS A 138 1.69 -0.40 28.71
CA LYS A 138 2.63 0.20 27.77
C LYS A 138 3.47 -0.92 27.18
N VAL A 139 3.36 -1.12 25.87
CA VAL A 139 4.06 -2.19 25.18
C VAL A 139 5.06 -1.56 24.21
N ASN A 140 6.33 -1.93 24.37
CA ASN A 140 7.38 -1.40 23.50
C ASN A 140 7.57 -2.22 22.25
N GLU A 141 7.18 -3.50 22.26
CA GLU A 141 7.35 -4.34 21.07
C GLU A 141 6.40 -3.92 19.96
N ILE A 142 5.22 -3.43 20.31
CA ILE A 142 4.28 -2.92 19.31
C ILE A 142 4.89 -1.72 18.58
N LEU A 143 5.46 -0.79 19.35
CA LEU A 143 6.01 0.43 18.77
C LEU A 143 7.32 0.16 18.03
N ASN A 144 8.14 -0.76 18.55
CA ASN A 144 9.36 -1.14 17.85
C ASN A 144 9.04 -1.81 16.52
N ARG A 145 8.18 -2.83 16.55
CA ARG A 145 7.78 -3.51 15.32
C ARG A 145 7.14 -2.55 14.33
N LEU A 146 6.31 -1.62 14.84
CA LEU A 146 5.67 -0.65 13.94
C LEU A 146 6.67 0.32 13.36
N GLU A 147 7.72 0.65 14.12
CA GLU A 147 8.74 1.59 13.72
C GLU A 147 9.74 0.99 12.75
N LYS A 148 9.93 -0.34 12.79
CA LYS A 148 10.76 -1.01 11.78
C LYS A 148 10.18 -0.84 10.39
N THR A 149 8.85 -0.76 10.29
CA THR A 149 8.15 -0.67 9.01
C THR A 149 7.87 0.76 8.58
N LYS A 150 8.51 1.75 9.19
CA LYS A 150 8.14 3.14 8.94
C LYS A 150 8.60 3.61 7.57
N VAL A 151 7.64 4.06 6.76
CA VAL A 151 7.87 4.67 5.47
C VAL A 151 7.38 6.10 5.54
N GLU A 152 8.18 7.05 5.09
CA GLU A 152 7.76 8.44 5.04
C GLU A 152 7.59 8.88 3.59
N ARG A 153 6.43 9.47 3.29
CA ARG A 153 6.10 9.90 1.95
C ARG A 153 5.69 11.37 1.98
N PHE A 154 5.68 11.99 0.81
CA PHE A 154 5.20 13.36 0.64
C PHE A 154 4.08 13.33 -0.39
N PRO A 155 2.94 12.75 -0.02
CA PRO A 155 1.92 12.45 -1.02
C PRO A 155 1.04 13.66 -1.33
N ASP A 156 0.43 13.60 -2.51
CA ASP A 156 -0.57 14.56 -2.95
C ASP A 156 -1.92 13.90 -2.70
N LEU A 157 -2.50 14.19 -1.53
CA LEU A 157 -3.62 13.39 -1.04
C LEU A 157 -4.89 13.61 -1.84
N ALA A 158 -5.04 14.79 -2.45
CA ALA A 158 -6.18 15.01 -3.33
C ALA A 158 -6.12 14.07 -4.52
N ALA A 159 -4.95 13.95 -5.15
CA ALA A 159 -4.80 13.09 -6.31
C ALA A 159 -4.97 11.62 -5.93
N GLU A 160 -4.42 11.21 -4.79
CA GLU A 160 -4.56 9.81 -4.38
C GLU A 160 -6.01 9.47 -4.06
N LYS A 161 -6.71 10.37 -3.36
CA LYS A 161 -8.13 10.14 -3.08
C LYS A 161 -8.95 10.14 -4.37
N GLU A 162 -8.50 10.89 -5.38
CA GLU A 162 -9.18 10.87 -6.67
C GLU A 162 -8.81 9.64 -7.49
N CYS A 163 -7.70 8.98 -7.16
CA CYS A 163 -7.44 7.66 -7.70
C CYS A 163 -8.33 6.61 -7.03
N ARG A 164 -8.62 6.79 -5.75
CA ARG A 164 -9.55 5.88 -5.07
C ARG A 164 -10.96 6.04 -5.63
N ASP A 165 -11.42 7.28 -5.80
CA ASP A 165 -12.75 7.50 -6.34
C ASP A 165 -12.84 7.04 -7.81
N ARG A 166 -11.79 7.29 -8.59
CA ARG A 166 -11.79 6.78 -9.95
C ARG A 166 -11.82 5.25 -9.97
N GLU A 167 -11.07 4.62 -9.06
CA GLU A 167 -11.07 3.16 -8.96
C GLU A 167 -12.47 2.63 -8.67
N GLU A 168 -13.17 3.23 -7.70
CA GLU A 168 -14.52 2.77 -7.38
C GLU A 168 -15.47 2.99 -8.56
N ARG A 169 -15.32 4.12 -9.26
CA ARG A 169 -16.15 4.35 -10.45
C ARG A 169 -15.89 3.28 -11.50
N ASN A 170 -14.63 2.86 -11.65
CA ASN A 170 -14.31 1.85 -12.65
C ASN A 170 -14.82 0.47 -12.26
N GLU A 171 -14.86 0.16 -10.96
CA GLU A 171 -15.50 -1.08 -10.55
C GLU A 171 -16.99 -1.03 -10.83
N LYS A 172 -17.59 0.15 -10.63
CA LYS A 172 -19.03 0.28 -10.89
C LYS A 172 -19.32 0.09 -12.38
N LYS A 173 -18.48 0.64 -13.26
CA LYS A 173 -18.66 0.39 -14.69
C LYS A 173 -18.46 -1.09 -15.02
N ALA A 174 -17.48 -1.72 -14.36
CA ALA A 174 -17.22 -3.13 -14.59
C ALA A 174 -18.45 -3.99 -14.30
N GLN A 175 -19.02 -3.84 -13.10
CA GLN A 175 -20.19 -4.66 -12.78
C GLN A 175 -21.42 -4.25 -13.58
N ILE A 176 -21.54 -2.96 -13.94
CA ILE A 176 -22.69 -2.52 -14.71
C ILE A 176 -22.69 -3.16 -16.09
N GLN A 177 -21.55 -3.14 -16.77
CA GLN A 177 -21.52 -3.75 -18.10
C GLN A 177 -21.44 -5.26 -18.01
N GLU A 178 -20.98 -5.81 -16.88
CA GLU A 178 -20.96 -7.27 -16.76
C GLU A 178 -22.35 -7.84 -16.52
N MET A 179 -23.25 -7.10 -15.87
CA MET A 179 -24.64 -7.56 -15.89
C MET A 179 -25.33 -7.18 -17.20
N LYS A 180 -24.89 -6.09 -17.84
CA LYS A 180 -25.42 -5.78 -19.16
C LYS A 180 -25.15 -6.90 -20.15
N LYS A 181 -23.97 -7.51 -20.07
CA LYS A 181 -23.71 -8.68 -20.91
C LYS A 181 -24.34 -9.93 -20.32
N ARG A 182 -24.47 -10.00 -18.99
CA ARG A 182 -25.18 -11.11 -18.37
C ARG A 182 -26.60 -11.25 -18.95
N GLU A 183 -27.32 -10.14 -19.08
CA GLU A 183 -28.66 -10.22 -19.66
C GLU A 183 -28.60 -10.64 -21.12
N LYS A 184 -27.51 -10.32 -21.81
CA LYS A 184 -27.29 -10.70 -23.21
C LYS A 184 -26.70 -12.11 -23.35
N GLU A 185 -26.81 -12.95 -22.33
CA GLU A 185 -26.29 -14.31 -22.40
C GLU A 185 -27.12 -15.26 -21.53
N MET B 14 -9.36 -5.26 -14.52
CA MET B 14 -9.21 -5.72 -13.14
C MET B 14 -7.81 -6.25 -12.89
N VAL B 15 -7.19 -5.79 -11.81
CA VAL B 15 -5.85 -6.21 -11.41
C VAL B 15 -5.94 -6.86 -10.05
N PHE B 16 -5.19 -7.96 -9.88
CA PHE B 16 -5.09 -8.66 -8.61
C PHE B 16 -3.90 -8.14 -7.82
N TYR B 17 -4.06 -8.08 -6.50
CA TYR B 17 -3.02 -7.58 -5.59
C TYR B 17 -2.89 -8.54 -4.42
N PHE B 18 -1.70 -9.08 -4.23
CA PHE B 18 -1.35 -9.98 -3.15
C PHE B 18 -0.30 -9.32 -2.26
N THR B 19 -0.19 -9.82 -1.04
CA THR B 19 0.74 -9.32 -0.03
C THR B 19 1.76 -10.40 0.31
N SER B 20 3.03 -10.11 0.11
CA SER B 20 4.13 -11.00 0.47
C SER B 20 4.86 -10.44 1.69
N SER B 21 4.76 -11.14 2.82
CA SER B 21 5.43 -10.74 4.05
C SER B 21 6.82 -11.34 4.13
N SER B 22 7.81 -10.51 4.46
CA SER B 22 9.20 -10.92 4.56
C SER B 22 9.60 -11.19 6.02
N VAL B 23 10.91 -11.33 6.25
CA VAL B 23 11.42 -11.60 7.59
C VAL B 23 11.38 -10.36 8.47
N ASN B 24 11.56 -9.17 7.88
CA ASN B 24 11.60 -7.93 8.64
C ASN B 24 10.23 -7.29 8.79
N SER B 25 9.16 -8.07 8.67
CA SER B 25 7.80 -7.64 8.98
C SER B 25 7.33 -6.48 8.11
N SER B 26 7.89 -6.36 6.91
CA SER B 26 7.46 -5.38 5.93
C SER B 26 6.69 -6.09 4.83
N ALA B 27 5.55 -5.54 4.45
CA ALA B 27 4.69 -6.14 3.44
C ALA B 27 5.08 -5.62 2.05
N TYR B 28 5.29 -6.55 1.12
CA TYR B 28 5.56 -6.22 -0.27
C TYR B 28 4.31 -6.44 -1.09
N THR B 29 4.02 -5.49 -1.98
CA THR B 29 2.84 -5.56 -2.83
C THR B 29 3.17 -6.25 -4.14
N ILE B 30 2.38 -7.25 -4.50
CA ILE B 30 2.49 -7.94 -5.76
C ILE B 30 1.18 -7.70 -6.52
N TYR B 31 1.27 -7.48 -7.83
CA TYR B 31 0.06 -7.34 -8.62
C TYR B 31 0.21 -8.10 -9.92
N MET B 32 -0.94 -8.50 -10.48
CA MET B 32 -0.98 -9.35 -11.66
C MET B 32 -2.24 -9.04 -12.44
N GLY B 33 -2.09 -8.83 -13.74
CA GLY B 33 -3.23 -8.52 -14.57
C GLY B 33 -4.12 -9.73 -14.81
N LYS B 34 -5.34 -9.47 -15.27
CA LYS B 34 -6.28 -10.56 -15.51
C LYS B 34 -6.06 -11.23 -16.85
N ASP B 35 -5.64 -10.48 -17.86
CA ASP B 35 -5.35 -11.05 -19.17
C ASP B 35 -4.32 -10.15 -19.85
N LYS B 36 -4.23 -10.27 -21.17
CA LYS B 36 -3.19 -9.57 -21.91
C LYS B 36 -3.44 -8.06 -21.96
N TYR B 37 -4.71 -7.65 -22.08
CA TYR B 37 -5.00 -6.23 -22.29
C TYR B 37 -4.87 -5.40 -21.01
N GLU B 38 -5.26 -5.94 -19.85
CA GLU B 38 -4.92 -5.25 -18.60
C GLU B 38 -3.41 -5.16 -18.43
N ASN B 39 -2.67 -6.16 -18.91
CA ASN B 39 -1.22 -6.17 -18.75
C ASN B 39 -0.54 -5.25 -19.75
N GLU B 40 -1.20 -4.91 -20.85
CA GLU B 40 -0.67 -3.89 -21.75
C GLU B 40 -0.53 -2.57 -21.01
N ASP B 41 -1.53 -2.24 -20.20
CA ASP B 41 -1.48 -1.01 -19.42
C ASP B 41 -0.65 -1.17 -18.15
N LEU B 42 -0.52 -2.39 -17.61
CA LEU B 42 0.44 -2.58 -16.54
C LEU B 42 1.87 -2.41 -17.04
N ILE B 43 2.13 -2.71 -18.31
CA ILE B 43 3.43 -2.43 -18.90
C ILE B 43 3.59 -0.94 -19.15
N LYS B 44 2.54 -0.31 -19.67
CA LYS B 44 2.65 1.11 -20.02
C LYS B 44 2.81 2.00 -18.79
N HIS B 45 2.20 1.62 -17.66
CA HIS B 45 2.10 2.52 -16.50
C HIS B 45 2.79 1.95 -15.26
N GLY B 46 3.69 1.00 -15.42
CA GLY B 46 4.42 0.48 -14.28
C GLY B 46 5.36 1.52 -13.67
N TRP B 47 5.66 1.34 -12.38
CA TRP B 47 6.51 2.27 -11.66
C TRP B 47 7.97 1.83 -11.74
N PRO B 48 8.91 2.77 -11.56
CA PRO B 48 10.32 2.37 -11.46
C PRO B 48 10.62 1.45 -10.29
N GLU B 49 9.78 1.43 -9.26
CA GLU B 49 9.94 0.52 -8.14
C GLU B 49 9.45 -0.89 -8.45
N ASP B 50 8.95 -1.14 -9.66
CA ASP B 50 8.34 -2.41 -10.00
C ASP B 50 9.37 -3.37 -10.59
N ILE B 51 9.22 -4.65 -10.25
CA ILE B 51 10.06 -5.73 -10.77
C ILE B 51 9.15 -6.70 -11.50
N TRP B 52 9.45 -6.93 -12.77
CA TRP B 52 8.66 -7.76 -13.65
C TRP B 52 9.17 -9.19 -13.64
N PHE B 53 8.27 -10.14 -13.40
CA PHE B 53 8.55 -11.56 -13.31
C PHE B 53 7.77 -12.31 -14.39
N HIS B 54 8.44 -13.27 -15.03
CA HIS B 54 7.81 -14.10 -16.04
C HIS B 54 8.54 -15.43 -16.11
N VAL B 55 7.79 -16.50 -16.37
CA VAL B 55 8.39 -17.81 -16.57
C VAL B 55 9.25 -17.79 -17.82
N ASP B 56 10.49 -18.24 -17.69
CA ASP B 56 11.44 -18.21 -18.80
C ASP B 56 11.10 -19.28 -19.83
N LYS B 57 11.11 -18.90 -21.10
CA LYS B 57 10.95 -19.79 -22.24
C LYS B 57 9.59 -20.46 -22.30
N LEU B 58 8.61 -19.98 -21.52
CA LEU B 58 7.27 -20.54 -21.53
C LEU B 58 6.23 -19.44 -21.36
N SER B 59 5.03 -19.72 -21.88
CA SER B 59 3.89 -18.85 -21.68
C SER B 59 3.51 -18.77 -20.21
N SER B 60 3.21 -17.56 -19.75
CA SER B 60 2.76 -17.34 -18.37
C SER B 60 2.16 -15.94 -18.27
N ALA B 61 1.62 -15.64 -17.09
CA ALA B 61 1.24 -14.29 -16.74
C ALA B 61 2.48 -13.48 -16.37
N HIS B 62 2.33 -12.16 -16.30
CA HIS B 62 3.41 -11.27 -15.92
C HIS B 62 3.13 -10.80 -14.50
N VAL B 63 3.95 -11.23 -13.56
CA VAL B 63 3.77 -10.84 -12.16
C VAL B 63 4.62 -9.60 -11.91
N TYR B 64 4.12 -8.70 -11.06
CA TYR B 64 4.88 -7.51 -10.72
C TYR B 64 5.02 -7.40 -9.21
N LEU B 65 6.20 -6.98 -8.77
CA LEU B 65 6.48 -6.77 -7.35
C LEU B 65 6.95 -5.33 -7.15
N ARG B 66 6.21 -4.56 -6.37
CA ARG B 66 6.60 -3.17 -6.13
C ARG B 66 7.35 -3.04 -4.82
N LEU B 67 8.54 -2.46 -4.91
CA LEU B 67 9.46 -2.31 -3.80
C LEU B 67 9.18 -1.02 -3.05
N HIS B 68 9.85 -0.87 -1.91
CA HIS B 68 9.73 0.35 -1.14
C HIS B 68 10.68 1.42 -1.70
N LYS B 69 10.50 2.64 -1.21
CA LYS B 69 11.38 3.74 -1.59
C LYS B 69 12.82 3.44 -1.20
N GLY B 70 13.72 3.46 -2.17
CA GLY B 70 15.13 3.21 -1.93
C GLY B 70 15.57 1.77 -2.04
N GLU B 71 14.66 0.86 -2.35
CA GLU B 71 15.00 -0.56 -2.46
C GLU B 71 15.43 -0.90 -3.88
N ASN B 72 16.35 -1.85 -3.99
CA ASN B 72 16.90 -2.29 -5.26
C ASN B 72 16.50 -3.73 -5.55
N ILE B 73 16.67 -4.12 -6.81
CA ILE B 73 16.25 -5.46 -7.24
C ILE B 73 17.13 -6.54 -6.59
N GLU B 74 18.42 -6.26 -6.43
CA GLU B 74 19.31 -7.24 -5.84
C GLU B 74 19.12 -7.37 -4.33
N ASP B 75 18.31 -6.51 -3.72
CA ASP B 75 18.08 -6.52 -2.29
C ASP B 75 16.70 -7.09 -1.93
N ILE B 76 16.06 -7.79 -2.86
CA ILE B 76 14.75 -8.39 -2.57
C ILE B 76 14.94 -9.58 -1.63
N PRO B 77 14.18 -9.65 -0.53
CA PRO B 77 14.25 -10.84 0.32
C PRO B 77 13.94 -12.10 -0.46
N LYS B 78 14.59 -13.20 -0.06
CA LYS B 78 14.45 -14.45 -0.79
C LYS B 78 13.04 -15.00 -0.70
N GLU B 79 12.39 -14.85 0.46
CA GLU B 79 11.01 -15.29 0.61
C GLU B 79 10.10 -14.58 -0.37
N VAL B 80 10.26 -13.26 -0.53
CA VAL B 80 9.43 -12.50 -1.46
C VAL B 80 9.73 -12.90 -2.89
N LEU B 81 11.02 -13.08 -3.21
CA LEU B 81 11.41 -13.49 -4.56
C LEU B 81 10.79 -14.84 -4.92
N MET B 82 10.76 -15.77 -3.97
CA MET B 82 10.14 -17.07 -4.22
C MET B 82 8.62 -16.98 -4.23
N ASP B 83 8.04 -15.99 -3.54
CA ASP B 83 6.61 -15.76 -3.64
C ASP B 83 6.23 -15.32 -5.03
N CYS B 84 6.99 -14.36 -5.58
CA CYS B 84 6.74 -13.92 -6.95
C CYS B 84 7.00 -15.05 -7.94
N ALA B 85 8.07 -15.81 -7.74
CA ALA B 85 8.42 -16.87 -8.68
C ALA B 85 7.36 -17.97 -8.68
N HIS B 86 6.96 -18.43 -7.49
CA HIS B 86 5.93 -19.46 -7.42
C HIS B 86 4.58 -18.94 -7.92
N LEU B 87 4.28 -17.67 -7.66
CA LEU B 87 3.02 -17.10 -8.14
C LEU B 87 3.00 -17.02 -9.66
N VAL B 88 4.10 -16.59 -10.27
CA VAL B 88 4.14 -16.52 -11.73
C VAL B 88 4.23 -17.90 -12.37
N LYS B 89 4.73 -18.89 -11.63
CA LYS B 89 4.78 -20.25 -12.15
C LYS B 89 3.43 -20.95 -12.08
N ALA B 90 2.68 -20.72 -11.01
CA ALA B 90 1.35 -21.30 -10.90
C ALA B 90 0.42 -20.79 -12.00
N ASN B 91 0.56 -19.52 -12.37
CA ASN B 91 -0.22 -18.93 -13.45
C ASN B 91 0.47 -19.07 -14.80
N SER B 92 1.12 -20.22 -15.03
CA SER B 92 1.67 -20.60 -16.33
C SER B 92 0.97 -21.88 -16.77
N ILE B 93 0.55 -21.92 -18.04
CA ILE B 93 -0.22 -23.06 -18.52
C ILE B 93 0.57 -24.35 -18.40
N GLN B 94 1.85 -24.33 -18.78
CA GLN B 94 2.70 -25.51 -18.70
C GLN B 94 3.71 -25.45 -17.56
N GLY B 95 4.03 -24.25 -17.06
CA GLY B 95 4.96 -24.14 -15.97
C GLY B 95 4.41 -24.65 -14.65
N CYS B 96 3.08 -24.57 -14.47
CA CYS B 96 2.51 -24.96 -13.20
C CYS B 96 2.53 -26.48 -13.01
N LYS B 97 2.45 -27.24 -14.10
CA LYS B 97 2.49 -28.70 -13.99
C LYS B 97 3.92 -29.25 -13.95
N MET B 98 4.92 -28.42 -14.24
CA MET B 98 6.31 -28.86 -14.22
C MET B 98 6.91 -28.67 -12.82
N ASN B 99 7.93 -29.46 -12.51
CA ASN B 99 8.57 -29.37 -11.21
C ASN B 99 9.64 -28.29 -11.16
N ASN B 100 10.47 -28.19 -12.20
CA ASN B 100 11.58 -27.25 -12.22
C ASN B 100 11.34 -26.24 -13.34
N VAL B 101 11.25 -24.96 -12.98
CA VAL B 101 11.10 -23.91 -13.98
C VAL B 101 12.03 -22.75 -13.63
N ASN B 102 12.35 -21.96 -14.65
CA ASN B 102 13.15 -20.76 -14.48
C ASN B 102 12.30 -19.53 -14.74
N VAL B 103 12.53 -18.50 -13.91
CA VAL B 103 11.76 -17.27 -13.94
C VAL B 103 12.75 -16.13 -14.12
N VAL B 104 12.56 -15.37 -15.19
CA VAL B 104 13.33 -14.16 -15.44
C VAL B 104 12.59 -13.00 -14.81
N TYR B 105 13.35 -12.08 -14.20
CA TYR B 105 12.77 -10.90 -13.58
C TYR B 105 13.71 -9.73 -13.79
N THR B 106 13.17 -8.59 -14.20
CA THR B 106 13.95 -7.41 -14.51
C THR B 106 13.19 -6.18 -14.04
N PRO B 107 13.90 -5.10 -13.73
CA PRO B 107 13.20 -3.86 -13.36
C PRO B 107 12.25 -3.43 -14.47
N TRP B 108 11.13 -2.82 -14.06
CA TRP B 108 10.14 -2.36 -15.04
C TRP B 108 10.76 -1.39 -16.04
N SER B 109 11.70 -0.56 -15.58
CA SER B 109 12.37 0.40 -16.45
C SER B 109 13.20 -0.26 -17.53
N ASN B 110 13.46 -1.57 -17.43
CA ASN B 110 14.18 -2.31 -18.45
C ASN B 110 13.27 -2.89 -19.52
N LEU B 111 11.96 -2.85 -19.33
CA LEU B 111 11.03 -3.36 -20.32
C LEU B 111 10.96 -2.42 -21.52
N LYS B 112 10.91 -3.01 -22.71
CA LYS B 112 10.86 -2.25 -23.96
C LYS B 112 9.70 -2.75 -24.80
N LYS B 113 8.81 -1.83 -25.17
CA LYS B 113 7.63 -2.15 -25.97
C LYS B 113 7.70 -1.36 -27.27
N THR B 114 7.68 -2.05 -28.39
CA THR B 114 7.73 -1.44 -29.70
C THR B 114 6.43 -1.66 -30.46
N ALA B 115 6.24 -0.90 -31.53
CA ALA B 115 5.03 -1.01 -32.32
C ALA B 115 4.94 -2.35 -33.03
N ASP B 116 6.08 -2.90 -33.46
CA ASP B 116 6.12 -4.20 -34.12
C ASP B 116 5.78 -5.36 -33.19
N MET B 117 5.55 -5.11 -31.91
CA MET B 117 5.29 -6.17 -30.95
C MET B 117 3.81 -6.53 -30.89
N ASP B 118 3.54 -7.70 -30.31
CA ASP B 118 2.19 -8.19 -30.10
C ASP B 118 1.59 -7.62 -28.82
N VAL B 119 0.51 -8.24 -28.36
CA VAL B 119 -0.06 -7.96 -27.05
C VAL B 119 0.35 -9.10 -26.13
N GLY B 120 1.04 -8.75 -25.03
CA GLY B 120 1.65 -9.72 -24.15
C GLY B 120 3.14 -9.92 -24.40
N GLN B 121 3.58 -9.77 -25.65
CA GLN B 121 5.01 -9.86 -25.95
C GLN B 121 5.71 -8.59 -25.50
N ILE B 122 6.87 -8.76 -24.85
CA ILE B 122 7.64 -7.64 -24.32
C ILE B 122 9.12 -7.86 -24.62
N GLY B 123 9.86 -6.77 -24.74
CA GLY B 123 11.28 -6.81 -24.95
C GLY B 123 12.03 -6.19 -23.78
N PHE B 124 13.36 -6.19 -23.92
CA PHE B 124 14.25 -5.70 -22.87
C PHE B 124 15.16 -4.62 -23.44
N HIS B 125 15.45 -3.62 -22.61
CA HIS B 125 16.42 -2.62 -23.02
C HIS B 125 17.84 -3.14 -22.86
N ARG B 126 18.09 -3.95 -21.84
CA ARG B 126 19.38 -4.60 -21.62
C ARG B 126 19.14 -5.95 -20.97
N GLN B 127 19.72 -7.00 -21.55
CA GLN B 127 19.70 -8.31 -20.92
C GLN B 127 20.67 -8.41 -19.75
N LYS B 128 21.40 -7.32 -19.46
CA LYS B 128 22.34 -7.34 -18.36
C LYS B 128 21.63 -7.23 -17.01
N ASP B 129 20.53 -6.49 -16.96
CA ASP B 129 19.72 -6.33 -15.76
C ASP B 129 18.50 -7.25 -15.74
N VAL B 130 18.52 -8.30 -16.56
CA VAL B 130 17.51 -9.35 -16.50
C VAL B 130 18.11 -10.49 -15.70
N LYS B 131 17.47 -10.84 -14.59
CA LYS B 131 17.97 -11.85 -13.68
C LYS B 131 17.16 -13.14 -13.83
N ILE B 132 17.73 -14.20 -13.28
CA ILE B 132 17.21 -15.56 -13.40
C ILE B 132 17.10 -16.16 -12.02
N VAL B 133 16.05 -16.97 -11.81
CA VAL B 133 15.94 -17.76 -10.59
C VAL B 133 15.15 -19.02 -10.90
N THR B 134 15.61 -20.16 -10.40
CA THR B 134 14.94 -21.43 -10.66
C THR B 134 14.06 -21.75 -9.46
N VAL B 135 12.77 -21.91 -9.69
CA VAL B 135 11.88 -22.48 -8.69
C VAL B 135 11.87 -23.98 -8.96
N GLU B 136 12.27 -24.75 -7.94
CA GLU B 136 12.60 -26.16 -8.14
C GLU B 136 11.43 -27.10 -7.91
N LYS B 137 10.36 -26.66 -7.27
CA LYS B 137 9.26 -27.55 -6.94
C LYS B 137 7.95 -26.77 -6.98
N LYS B 138 6.90 -27.37 -6.43
CA LYS B 138 5.59 -26.73 -6.29
C LYS B 138 5.22 -26.79 -4.82
N VAL B 139 5.12 -25.62 -4.18
CA VAL B 139 4.77 -25.53 -2.77
C VAL B 139 3.43 -24.80 -2.71
N ASN B 140 2.46 -25.42 -2.01
CA ASN B 140 1.10 -24.89 -2.00
C ASN B 140 0.88 -23.83 -0.94
N GLU B 141 1.68 -23.80 0.13
CA GLU B 141 1.47 -22.82 1.18
C GLU B 141 1.75 -21.40 0.67
N ILE B 142 2.71 -21.26 -0.24
CA ILE B 142 3.01 -19.95 -0.80
C ILE B 142 1.78 -19.40 -1.53
N LEU B 143 1.13 -20.24 -2.33
CA LEU B 143 0.00 -19.79 -3.13
C LEU B 143 -1.26 -19.61 -2.29
N ASN B 144 -1.46 -20.49 -1.30
CA ASN B 144 -2.59 -20.34 -0.40
C ASN B 144 -2.47 -19.06 0.41
N ARG B 145 -1.31 -18.88 1.06
CA ARG B 145 -1.04 -17.67 1.82
C ARG B 145 -1.14 -16.43 0.94
N LEU B 146 -0.66 -16.52 -0.30
CA LEU B 146 -0.68 -15.36 -1.18
C LEU B 146 -2.09 -15.01 -1.64
N GLU B 147 -2.95 -16.01 -1.84
CA GLU B 147 -4.30 -15.72 -2.29
C GLU B 147 -5.22 -15.31 -1.14
N LYS B 148 -4.95 -15.77 0.07
CA LYS B 148 -5.71 -15.30 1.22
C LYS B 148 -5.59 -13.78 1.37
N THR B 149 -4.58 -13.18 0.75
CA THR B 149 -4.40 -11.74 0.73
C THR B 149 -4.85 -11.11 -0.58
N LYS B 150 -5.58 -11.85 -1.42
CA LYS B 150 -5.91 -11.37 -2.76
C LYS B 150 -7.02 -10.32 -2.69
N VAL B 151 -6.69 -9.13 -3.18
CA VAL B 151 -7.63 -8.02 -3.33
C VAL B 151 -7.74 -7.72 -4.82
N GLU B 152 -8.95 -7.49 -5.30
CA GLU B 152 -9.18 -7.16 -6.71
C GLU B 152 -9.54 -5.69 -6.84
N ARG B 153 -8.83 -4.98 -7.70
CA ARG B 153 -9.07 -3.56 -7.91
C ARG B 153 -9.24 -3.28 -9.39
N PHE B 154 -9.81 -2.11 -9.69
CA PHE B 154 -9.93 -1.60 -11.05
C PHE B 154 -9.27 -0.23 -11.11
N PRO B 155 -7.95 -0.17 -11.00
CA PRO B 155 -7.27 1.11 -10.81
C PRO B 155 -7.06 1.86 -12.11
N ASP B 156 -6.89 3.17 -11.97
CA ASP B 156 -6.53 4.05 -13.08
C ASP B 156 -5.03 4.31 -12.94
N LEU B 157 -4.24 3.49 -13.65
CA LEU B 157 -2.80 3.40 -13.37
C LEU B 157 -2.05 4.64 -13.81
N ALA B 158 -2.55 5.38 -14.80
CA ALA B 158 -1.92 6.64 -15.17
C ALA B 158 -1.95 7.62 -14.00
N ALA B 159 -3.12 7.77 -13.38
CA ALA B 159 -3.26 8.70 -12.27
C ALA B 159 -2.44 8.24 -11.07
N GLU B 160 -2.43 6.94 -10.79
CA GLU B 160 -1.66 6.44 -9.65
C GLU B 160 -0.16 6.62 -9.88
N LYS B 161 0.31 6.33 -11.09
CA LYS B 161 1.72 6.54 -11.40
C LYS B 161 2.12 8.01 -11.31
N GLU B 162 1.22 8.92 -11.67
CA GLU B 162 1.59 10.33 -11.52
C GLU B 162 1.36 10.82 -10.10
N CYS B 163 0.66 10.05 -9.25
CA CYS B 163 0.72 10.30 -7.82
C CYS B 163 2.07 9.88 -7.26
N ARG B 164 2.65 8.82 -7.82
CA ARG B 164 4.01 8.44 -7.44
C ARG B 164 5.00 9.50 -7.89
N ASP B 165 4.84 9.99 -9.12
CA ASP B 165 5.74 11.01 -9.65
C ASP B 165 5.58 12.32 -8.88
N ARG B 166 4.34 12.68 -8.55
CA ARG B 166 4.11 13.87 -7.74
C ARG B 166 4.74 13.73 -6.36
N GLU B 167 4.61 12.54 -5.75
CA GLU B 167 5.24 12.30 -4.46
C GLU B 167 6.75 12.48 -4.55
N GLU B 168 7.37 11.92 -5.60
CA GLU B 168 8.81 12.07 -5.77
C GLU B 168 9.22 13.52 -5.98
N ARG B 169 8.45 14.26 -6.78
CA ARG B 169 8.74 15.68 -6.97
C ARG B 169 8.62 16.45 -5.66
N ASN B 170 7.65 16.08 -4.82
CA ASN B 170 7.48 16.79 -3.55
C ASN B 170 8.61 16.45 -2.59
N GLU B 171 9.16 15.24 -2.66
CA GLU B 171 10.32 14.94 -1.84
C GLU B 171 11.57 15.69 -2.33
N LYS B 172 11.75 15.78 -3.65
CA LYS B 172 12.92 16.49 -4.17
C LYS B 172 12.84 17.97 -3.88
N LYS B 173 11.67 18.59 -4.06
CA LYS B 173 11.51 19.99 -3.69
C LYS B 173 11.66 20.17 -2.18
N ALA B 174 11.20 19.18 -1.41
CA ALA B 174 11.40 19.23 0.04
C ALA B 174 12.88 19.31 0.39
N GLN B 175 13.68 18.41 -0.18
CA GLN B 175 15.12 18.42 0.10
C GLN B 175 15.77 19.69 -0.43
N ILE B 176 15.27 20.23 -1.54
CA ILE B 176 15.80 21.47 -2.07
C ILE B 176 15.51 22.61 -1.11
N GLN B 177 14.31 22.62 -0.52
CA GLN B 177 13.89 23.69 0.36
C GLN B 177 14.57 23.63 1.73
N GLU B 178 14.88 22.42 2.21
CA GLU B 178 15.62 22.31 3.48
C GLU B 178 17.13 22.45 3.28
N MET B 179 17.64 22.20 2.07
CA MET B 179 19.03 22.53 1.76
C MET B 179 19.23 24.01 1.50
N LYS B 180 18.22 24.72 1.01
CA LYS B 180 18.28 26.17 1.00
C LYS B 180 18.09 26.74 2.39
N LYS B 181 17.28 26.08 3.21
CA LYS B 181 17.21 26.43 4.62
C LYS B 181 18.58 26.33 5.29
N ARG B 182 19.28 25.21 5.06
CA ARG B 182 20.58 25.00 5.69
C ARG B 182 21.62 25.95 5.15
N GLU B 183 21.69 26.09 3.82
CA GLU B 183 22.69 26.97 3.23
C GLU B 183 22.43 28.44 3.59
N LYS B 184 21.17 28.80 3.84
CA LYS B 184 20.89 30.16 4.26
C LYS B 184 21.10 30.35 5.76
N GLU B 185 20.69 29.37 6.57
CA GLU B 185 20.90 29.46 8.01
C GLU B 185 22.34 29.18 8.41
N GLU B 186 23.16 28.66 7.48
CA GLU B 186 24.59 28.55 7.71
C GLU B 186 25.21 29.91 7.98
N MET B 187 24.69 30.94 7.34
CA MET B 187 25.10 32.32 7.59
C MET B 187 24.46 32.91 8.84
N LYS B 188 23.74 32.09 9.62
CA LYS B 188 23.13 32.51 10.87
C LYS B 188 22.33 33.80 10.71
#